data_3QMH
#
_entry.id   3QMH
#
_cell.length_a   30.458
_cell.length_b   73.956
_cell.length_c   124.062
_cell.angle_alpha   90.00
_cell.angle_beta   90.00
_cell.angle_gamma   90.00
#
_symmetry.space_group_name_H-M   'C 2 2 21'
#
loop_
_entity.id
_entity.type
_entity.pdbx_description
1 polymer 'CpG-binding protein'
2 polymer "5'-D(*GP*CP*CP*AP*TP*CP*GP*AP*TP*GP*GP*C)-3'"
3 non-polymer 'ZINC ION'
4 water water
#
loop_
_entity_poly.entity_id
_entity_poly.type
_entity_poly.pdbx_seq_one_letter_code
_entity_poly.pdbx_strand_id
1 'polypeptide(L)' MHHHHHHSSRENLYFQGQIKRSARMCGECEACRRTEDCGHCDFCRDMKKFGGPNKIRQKCRLRQCQLRARESYKYFPSS A
2 'polydeoxyribonucleotide' (DG)(DC)(DC)(DA)(DT)(DC)(DG)(DA)(DT)(DG)(DG)(DC) B,C
#
# COMPACT_ATOMS: atom_id res chain seq x y z
N ALA A 23 14.39 1.37 -0.89
CA ALA A 23 14.40 1.34 -2.39
C ALA A 23 13.12 1.93 -2.97
N ARG A 24 11.97 1.35 -2.59
CA ARG A 24 10.70 2.01 -2.78
C ARG A 24 10.17 2.65 -1.51
N MET A 25 11.06 2.94 -0.57
CA MET A 25 10.66 3.52 0.71
C MET A 25 11.66 4.57 1.20
N CYS A 26 11.19 5.79 1.39
CA CYS A 26 12.02 6.85 1.95
C CYS A 26 12.17 6.68 3.46
N GLY A 27 11.14 6.13 4.09
CA GLY A 27 11.17 5.88 5.54
C GLY A 27 10.78 7.09 6.35
N GLU A 28 10.26 8.12 5.69
CA GLU A 28 10.17 9.44 6.30
C GLU A 28 8.82 10.09 6.05
N CYS A 29 8.10 9.65 5.03
CA CYS A 29 6.83 10.30 4.69
C CYS A 29 5.70 9.75 5.55
N GLU A 30 4.51 10.33 5.40
CA GLU A 30 3.33 9.88 6.12
C GLU A 30 3.08 8.41 5.82
N ALA A 31 3.19 8.05 4.53
CA ALA A 31 2.88 6.72 4.04
C ALA A 31 3.81 5.69 4.66
N CYS A 32 5.11 6.03 4.70
CA CYS A 32 6.13 5.14 5.23
C CYS A 32 5.99 4.87 6.73
N ARG A 33 5.49 5.86 7.46
CA ARG A 33 5.45 5.79 8.93
C ARG A 33 4.21 5.03 9.39
N ARG A 34 3.27 4.89 8.47
CA ARG A 34 1.97 4.32 8.73
C ARG A 34 2.07 2.81 8.90
N THR A 35 1.40 2.27 9.92
CA THR A 35 1.48 0.83 10.18
C THR A 35 0.19 0.05 9.89
N GLU A 36 -0.88 0.74 9.52
CA GLU A 36 -2.18 0.08 9.40
C GLU A 36 -2.76 0.19 8.01
N ASP A 37 -3.15 -0.96 7.45
CA ASP A 37 -3.75 -1.01 6.12
C ASP A 37 -5.18 -0.47 6.19
N CYS A 38 -5.59 0.25 5.17
CA CYS A 38 -6.90 0.88 5.18
C CYS A 38 -8.02 -0.14 5.05
N GLY A 39 -7.72 -1.27 4.40
CA GLY A 39 -8.69 -2.34 4.28
C GLY A 39 -9.74 -2.05 3.22
N HIS A 40 -9.56 -0.97 2.47
CA HIS A 40 -10.62 -0.49 1.58
C HIS A 40 -10.18 -0.23 0.14
N CYS A 41 -8.89 -0.02 -0.08
CA CYS A 41 -8.39 0.21 -1.43
C CYS A 41 -8.34 -1.11 -2.17
N ASP A 42 -8.08 -1.05 -3.47
CA ASP A 42 -8.08 -2.25 -4.29
C ASP A 42 -7.00 -3.21 -3.82
N PHE A 43 -5.87 -2.64 -3.41
CA PHE A 43 -4.71 -3.44 -3.02
C PHE A 43 -4.96 -4.13 -1.69
N CYS A 44 -5.66 -3.46 -0.79
CA CYS A 44 -6.09 -4.06 0.47
C CYS A 44 -7.12 -5.16 0.23
N ARG A 45 -8.17 -4.83 -0.51
CA ARG A 45 -9.20 -5.82 -0.85
C ARG A 45 -8.60 -7.11 -1.37
N ASP A 46 -7.42 -7.01 -1.99
CA ASP A 46 -6.80 -8.15 -2.65
C ASP A 46 -6.10 -9.08 -1.66
N MET A 47 -5.79 -8.57 -0.48
CA MET A 47 -4.98 -9.31 0.48
C MET A 47 -5.76 -10.45 1.13
N LYS A 48 -5.06 -11.54 1.41
CA LYS A 48 -5.68 -12.65 2.14
C LYS A 48 -6.16 -12.14 3.49
N LYS A 49 -5.38 -11.25 4.09
CA LYS A 49 -5.76 -10.61 5.35
C LYS A 49 -7.19 -10.10 5.28
N PHE A 50 -7.66 -9.82 4.07
CA PHE A 50 -8.94 -9.12 3.91
C PHE A 50 -9.86 -9.91 3.00
N GLY A 51 -9.54 -11.19 2.80
CA GLY A 51 -10.43 -12.11 2.11
C GLY A 51 -10.07 -12.24 0.64
N GLY A 52 -9.27 -11.31 0.14
CA GLY A 52 -8.98 -11.23 -1.29
C GLY A 52 -8.22 -12.46 -1.77
N PRO A 53 -8.04 -12.58 -3.09
CA PRO A 53 -7.41 -13.77 -3.68
C PRO A 53 -5.89 -13.68 -3.71
N ASN A 54 -5.34 -12.51 -3.41
CA ASN A 54 -3.90 -12.30 -3.40
C ASN A 54 -3.26 -12.40 -4.78
N LYS A 55 -3.80 -11.66 -5.73
CA LYS A 55 -3.36 -11.78 -7.11
C LYS A 55 -2.65 -10.51 -7.56
N ILE A 56 -2.87 -9.42 -6.80
CA ILE A 56 -2.26 -8.14 -7.12
C ILE A 56 -0.94 -8.01 -6.38
N ARG A 57 -0.95 -8.30 -5.08
CA ARG A 57 0.26 -8.34 -4.28
C ARG A 57 0.98 -7.00 -4.26
N GLN A 58 0.30 -5.96 -3.83
CA GLN A 58 0.95 -4.70 -3.50
C GLN A 58 0.46 -4.19 -2.14
N LYS A 59 1.27 -3.34 -1.52
CA LYS A 59 0.92 -2.55 -0.34
C LYS A 59 -0.37 -1.73 -0.47
N CYS A 60 -1.07 -1.55 0.66
CA CYS A 60 -2.09 -0.52 0.78
C CYS A 60 -1.70 0.74 0.03
N ARG A 61 -2.67 1.36 -0.62
CA ARG A 61 -2.38 2.60 -1.35
C ARG A 61 -1.95 3.72 -0.43
N LEU A 62 -2.42 3.69 0.81
CA LEU A 62 -2.04 4.75 1.75
C LEU A 62 -0.67 4.47 2.31
N ARG A 63 -0.08 3.34 1.93
CA ARG A 63 1.25 3.01 2.42
C ARG A 63 2.34 3.12 1.35
N GLN A 64 1.94 3.33 0.10
CA GLN A 64 2.90 3.57 -0.95
C GLN A 64 3.72 4.84 -0.68
N CYS A 65 5.04 4.72 -0.60
CA CYS A 65 5.88 5.86 -0.24
C CYS A 65 5.55 7.04 -1.14
N GLN A 66 5.44 8.23 -0.55
CA GLN A 66 4.97 9.37 -1.29
C GLN A 66 6.06 9.86 -2.25
N LEU A 67 7.30 9.48 -1.94
CA LEU A 67 8.46 9.88 -2.73
C LEU A 67 8.88 8.84 -3.78
N ARG A 68 9.02 7.60 -3.33
CA ARG A 68 9.74 6.58 -4.10
C ARG A 68 8.83 5.62 -4.89
N ALA A 69 7.53 5.67 -4.64
CA ALA A 69 6.60 4.70 -5.20
C ALA A 69 6.34 4.91 -6.68
N ARG A 70 5.89 3.86 -7.36
CA ARG A 70 5.33 4.00 -8.71
C ARG A 70 4.11 4.92 -8.66
N GLU A 71 4.11 5.94 -9.51
CA GLU A 71 3.04 6.93 -9.47
C GLU A 71 1.71 6.21 -9.36
N SER A 72 1.51 5.20 -10.19
CA SER A 72 0.20 4.59 -10.36
C SER A 72 -0.17 3.64 -9.21
N TYR A 73 0.70 3.53 -8.22
CA TYR A 73 0.37 2.83 -6.98
C TYR A 73 -0.29 3.76 -5.95
N LYS A 74 0.06 5.04 -5.99
CA LYS A 74 -0.45 6.03 -5.04
C LYS A 74 -1.97 6.25 -5.09
N TYR A 75 -2.54 6.86 -4.05
CA TYR A 75 -3.99 6.80 -3.79
C TYR A 75 -4.82 7.28 -4.98
#